data_8CCV
#
_entry.id   8CCV
#
_cell.length_a   56.862
_cell.length_b   56.862
_cell.length_c   263.866
_cell.angle_alpha   90.00
_cell.angle_beta   90.00
_cell.angle_gamma   90.00
#
_symmetry.space_group_name_H-M   'P 41 21 2'
#
loop_
_entity.id
_entity.type
_entity.pdbx_description
1 polymer 'Oxygen-insensitive NAD(P)H nitroreductase'
2 non-polymer 'FLAVIN MONONUCLEOTIDE'
3 non-polymer 'NICOTINIC ACID'
4 water water
#
_entity_poly.entity_id   1
_entity_poly.type   'polypeptide(L)'
_entity_poly.pdbx_seq_one_letter_code
;MDIISVALKRHSTKAFDASKKLTPEQAEQIKTLLQYSPSSLNSQPWHFIVASTEEGKARVAKSAAGNYVFSERKMLDASH
VVVFCAKTAMDDVWLKLVVDQEDADGRFATPEAKAANDKGRKFFADMHRKDLHDDAEWMAKQVYLNVGNFLLGVAALGLD
AVPIEGFDAAILDAEFGLKEKGYTSLVVVPVGHHSVEDFNATLPKSRLPQNITLTEV
;
_entity_poly.pdbx_strand_id   A,B
#
loop_
_chem_comp.id
_chem_comp.type
_chem_comp.name
_chem_comp.formula
FMN non-polymer 'FLAVIN MONONUCLEOTIDE' 'C17 H21 N4 O9 P'
NIO non-polymer 'NICOTINIC ACID' 'C6 H5 N O2'
#
# COMPACT_ATOMS: atom_id res chain seq x y z
N ASP A 2 13.87 -15.60 -1.76
CA ASP A 2 13.82 -14.67 -0.60
C ASP A 2 13.17 -13.33 -0.97
N ILE A 3 12.30 -12.84 -0.10
CA ILE A 3 11.48 -11.67 -0.44
C ILE A 3 12.31 -10.39 -0.46
N ILE A 4 13.45 -10.33 0.25
CA ILE A 4 14.29 -9.13 0.30
C ILE A 4 14.99 -8.95 -1.05
N SER A 5 15.55 -10.04 -1.59
CA SER A 5 16.06 -10.08 -2.96
C SER A 5 15.03 -9.47 -3.87
N VAL A 6 13.80 -9.98 -3.83
CA VAL A 6 12.73 -9.46 -4.67
C VAL A 6 12.52 -7.94 -4.48
N ALA A 7 12.35 -7.48 -3.25
CA ALA A 7 12.22 -6.06 -2.97
C ALA A 7 13.37 -5.25 -3.52
N LEU A 8 14.61 -5.81 -3.45
CA LEU A 8 15.79 -5.06 -3.86
C LEU A 8 15.94 -5.07 -5.38
N LYS A 9 15.37 -6.05 -6.09
CA LYS A 9 15.59 -6.23 -7.51
C LYS A 9 14.44 -5.76 -8.40
N ARG A 10 13.24 -5.66 -7.89
CA ARG A 10 12.12 -5.22 -8.69
C ARG A 10 12.41 -3.78 -9.15
N HIS A 11 11.74 -3.33 -10.23
CA HIS A 11 11.89 -1.95 -10.64
C HIS A 11 10.61 -1.51 -11.37
N SER A 12 10.39 -0.20 -11.46
CA SER A 12 9.34 0.33 -12.32
C SER A 12 9.81 0.20 -13.79
N THR A 13 9.07 -0.63 -14.54
CA THR A 13 9.34 -0.93 -15.94
C THR A 13 8.92 0.26 -16.81
N LYS A 14 9.84 0.75 -17.64
CA LYS A 14 9.59 1.89 -18.50
C LYS A 14 9.14 1.48 -19.88
N ALA A 15 9.39 0.20 -20.27
CA ALA A 15 8.98 -0.31 -21.56
C ALA A 15 8.76 -1.81 -21.42
N PHE A 16 7.63 -2.29 -21.96
CA PHE A 16 7.33 -3.71 -22.01
C PHE A 16 7.48 -4.31 -23.41
N ASP A 17 7.69 -5.63 -23.39
CA ASP A 17 7.76 -6.43 -24.59
C ASP A 17 6.35 -6.93 -24.82
N ALA A 18 5.75 -6.41 -25.91
CA ALA A 18 4.36 -6.71 -26.25
C ALA A 18 4.14 -8.15 -26.68
N SER A 19 5.19 -8.88 -27.09
CA SER A 19 5.02 -10.29 -27.43
C SER A 19 4.94 -11.19 -26.18
N LYS A 20 5.34 -10.71 -24.98
CA LYS A 20 5.52 -11.57 -23.82
C LYS A 20 4.30 -11.50 -22.88
N LYS A 21 3.35 -12.47 -23.02
CA LYS A 21 2.12 -12.55 -22.27
C LYS A 21 2.29 -13.28 -20.93
N LEU A 22 1.48 -12.89 -19.96
CA LEU A 22 1.25 -13.73 -18.78
C LEU A 22 0.78 -15.10 -19.17
N THR A 23 1.26 -16.14 -18.45
CA THR A 23 0.71 -17.49 -18.65
C THR A 23 -0.71 -17.47 -18.12
N PRO A 24 -1.62 -18.37 -18.53
CA PRO A 24 -2.96 -18.40 -17.92
C PRO A 24 -2.91 -18.50 -16.39
N GLU A 25 -1.93 -19.25 -15.84
CA GLU A 25 -1.78 -19.35 -14.39
C GLU A 25 -1.42 -18.01 -13.74
N GLN A 26 -0.42 -17.30 -14.27
CA GLN A 26 -0.06 -15.97 -13.81
C GLN A 26 -1.24 -15.01 -13.81
N ALA A 27 -2.06 -15.06 -14.84
CA ALA A 27 -3.24 -14.21 -14.90
C ALA A 27 -4.20 -14.52 -13.76
N GLU A 28 -4.29 -15.80 -13.34
CA GLU A 28 -5.09 -16.11 -12.17
C GLU A 28 -4.42 -15.63 -10.89
N GLN A 29 -3.10 -15.81 -10.79
CA GLN A 29 -2.36 -15.38 -9.61
C GLN A 29 -2.48 -13.88 -9.37
N ILE A 30 -2.44 -13.03 -10.38
CA ILE A 30 -2.47 -11.60 -10.11
C ILE A 30 -3.87 -11.21 -9.62
N LYS A 31 -4.91 -11.93 -10.06
CA LYS A 31 -6.27 -11.69 -9.59
C LYS A 31 -6.46 -12.06 -8.10
N THR A 32 -5.86 -13.20 -7.74
CA THR A 32 -5.79 -13.64 -6.37
C THR A 32 -5.19 -12.59 -5.45
N LEU A 33 -4.06 -12.00 -5.87
CA LEU A 33 -3.38 -10.99 -5.07
C LEU A 33 -4.26 -9.76 -4.84
N LEU A 34 -5.01 -9.36 -5.89
CA LEU A 34 -5.89 -8.20 -5.77
C LEU A 34 -6.97 -8.47 -4.73
N GLN A 35 -7.49 -9.68 -4.73
CA GLN A 35 -8.63 -10.01 -3.91
C GLN A 35 -8.24 -10.13 -2.43
N TYR A 36 -7.09 -10.78 -2.16
CA TYR A 36 -6.65 -11.17 -0.83
C TYR A 36 -5.80 -10.10 -0.14
N SER A 37 -5.70 -8.89 -0.72
CA SER A 37 -5.06 -7.79 -0.01
C SER A 37 -5.84 -7.56 1.29
N PRO A 38 -5.21 -7.26 2.41
CA PRO A 38 -5.94 -6.83 3.60
C PRO A 38 -6.46 -5.39 3.43
N SER A 39 -7.26 -4.94 4.38
CA SER A 39 -7.84 -3.60 4.42
C SER A 39 -8.43 -3.37 5.83
N SER A 40 -8.46 -2.10 6.24
CA SER A 40 -9.13 -1.73 7.49
C SER A 40 -10.53 -2.34 7.53
N LEU A 41 -10.83 -3.05 8.63
CA LEU A 41 -12.13 -3.67 8.92
C LEU A 41 -12.46 -4.77 7.91
N ASN A 42 -11.50 -5.20 7.08
CA ASN A 42 -11.80 -6.00 5.88
C ASN A 42 -12.86 -5.34 4.98
N SER A 43 -12.87 -4.01 4.94
CA SER A 43 -13.89 -3.23 4.23
C SER A 43 -13.76 -3.37 2.70
N GLN A 44 -12.55 -3.73 2.20
CA GLN A 44 -12.25 -4.02 0.80
C GLN A 44 -12.94 -3.02 -0.12
N PRO A 45 -12.73 -1.69 0.07
CA PRO A 45 -13.57 -0.67 -0.59
C PRO A 45 -13.08 -0.39 -2.02
N TRP A 46 -13.12 -1.43 -2.88
CA TRP A 46 -12.36 -1.40 -4.11
C TRP A 46 -13.02 -2.16 -5.26
N HIS A 47 -12.67 -1.71 -6.46
CA HIS A 47 -12.94 -2.43 -7.69
C HIS A 47 -11.67 -2.44 -8.52
N PHE A 48 -11.50 -3.51 -9.28
CA PHE A 48 -10.40 -3.69 -10.20
C PHE A 48 -10.93 -3.87 -11.63
N ILE A 49 -10.31 -3.18 -12.58
CA ILE A 49 -10.42 -3.47 -14.02
C ILE A 49 -9.13 -4.16 -14.45
N VAL A 50 -9.22 -5.38 -14.99
CA VAL A 50 -8.08 -6.08 -15.53
C VAL A 50 -8.25 -6.10 -17.04
N ALA A 51 -7.39 -5.33 -17.73
CA ALA A 51 -7.49 -5.15 -19.15
C ALA A 51 -6.48 -6.09 -19.80
N SER A 52 -6.94 -7.09 -20.58
CA SER A 52 -6.00 -8.03 -21.24
C SER A 52 -6.19 -8.13 -22.76
N THR A 53 -7.25 -7.57 -23.32
CA THR A 53 -7.43 -7.50 -24.77
C THR A 53 -6.84 -6.20 -25.27
N GLU A 54 -6.57 -6.17 -26.56
CA GLU A 54 -6.09 -5.00 -27.28
C GLU A 54 -7.11 -3.87 -27.12
N GLU A 55 -8.38 -4.22 -27.30
CA GLU A 55 -9.52 -3.34 -27.11
C GLU A 55 -9.46 -2.71 -25.73
N GLY A 56 -9.37 -3.59 -24.74
CA GLY A 56 -9.43 -3.23 -23.33
C GLY A 56 -8.28 -2.29 -22.92
N LYS A 57 -7.04 -2.60 -23.35
CA LYS A 57 -5.88 -1.79 -23.02
C LYS A 57 -5.98 -0.42 -23.69
N ALA A 58 -6.48 -0.40 -24.92
CA ALA A 58 -6.73 0.85 -25.65
C ALA A 58 -7.67 1.78 -24.88
N ARG A 59 -8.78 1.21 -24.39
CA ARG A 59 -9.74 1.96 -23.57
C ARG A 59 -9.07 2.60 -22.35
N VAL A 60 -8.11 1.90 -21.72
CA VAL A 60 -7.40 2.41 -20.57
C VAL A 60 -6.39 3.47 -21.00
N ALA A 61 -5.74 3.22 -22.16
CA ALA A 61 -4.69 4.09 -22.65
C ALA A 61 -5.24 5.46 -23.07
N LYS A 62 -6.56 5.55 -23.25
CA LYS A 62 -7.22 6.83 -23.53
C LYS A 62 -6.91 7.82 -22.42
N SER A 63 -6.78 7.31 -21.19
CA SER A 63 -6.46 8.11 -20.00
C SER A 63 -5.08 8.76 -20.06
N ALA A 64 -4.14 8.27 -20.88
CA ALA A 64 -2.82 8.89 -21.00
C ALA A 64 -2.73 9.84 -22.21
N ALA A 65 -3.80 10.65 -22.35
CA ALA A 65 -3.86 11.88 -23.13
C ALA A 65 -3.07 13.00 -22.46
N GLY A 66 -2.68 14.00 -23.26
CA GLY A 66 -2.18 15.29 -22.80
C GLY A 66 -0.82 15.20 -22.13
N ASN A 67 -0.81 15.52 -20.84
CA ASN A 67 0.42 15.57 -20.05
C ASN A 67 0.94 14.17 -19.71
N TYR A 68 0.15 13.12 -19.96
CA TYR A 68 0.43 11.79 -19.45
C TYR A 68 0.85 10.84 -20.56
N VAL A 69 1.20 11.42 -21.73
CA VAL A 69 1.47 10.75 -22.99
C VAL A 69 2.43 9.57 -22.80
N PHE A 70 3.52 9.73 -22.02
CA PHE A 70 4.54 8.68 -21.86
C PHE A 70 4.06 7.51 -21.00
N SER A 71 2.88 7.64 -20.39
CA SER A 71 2.21 6.50 -19.82
C SER A 71 1.67 5.56 -20.89
N GLU A 72 1.39 6.07 -22.09
CA GLU A 72 0.51 5.37 -23.04
C GLU A 72 1.11 4.04 -23.49
N ARG A 73 2.37 4.08 -23.90
CA ARG A 73 3.16 2.94 -24.35
C ARG A 73 3.04 1.80 -23.33
N LYS A 74 3.29 2.15 -22.06
CA LYS A 74 3.30 1.20 -20.92
C LYS A 74 1.95 0.47 -20.82
N MET A 75 0.83 1.18 -20.99
CA MET A 75 -0.51 0.61 -20.90
C MET A 75 -0.85 -0.28 -22.09
N LEU A 76 -0.40 0.08 -23.30
CA LEU A 76 -0.70 -0.74 -24.47
C LEU A 76 0.23 -1.94 -24.62
N ASP A 77 1.48 -1.84 -24.15
CA ASP A 77 2.48 -2.85 -24.48
C ASP A 77 2.48 -3.99 -23.48
N ALA A 78 1.97 -3.71 -22.28
CA ALA A 78 1.95 -4.69 -21.21
C ALA A 78 0.95 -5.79 -21.54
N SER A 79 1.15 -6.96 -20.96
CA SER A 79 0.24 -8.09 -21.11
C SER A 79 -1.10 -7.76 -20.46
N HIS A 80 -1.05 -7.34 -19.19
CA HIS A 80 -2.24 -7.10 -18.39
C HIS A 80 -2.12 -5.72 -17.76
N VAL A 81 -3.20 -4.95 -17.71
CA VAL A 81 -3.21 -3.63 -17.09
C VAL A 81 -4.34 -3.57 -16.06
N VAL A 82 -4.01 -3.33 -14.78
CA VAL A 82 -4.99 -3.33 -13.70
C VAL A 82 -5.28 -1.87 -13.35
N VAL A 83 -6.54 -1.49 -13.38
CA VAL A 83 -6.96 -0.23 -12.83
C VAL A 83 -7.47 -0.49 -11.43
N PHE A 84 -6.80 0.12 -10.42
CA PHE A 84 -7.23 0.12 -9.05
C PHE A 84 -8.20 1.26 -8.84
N CYS A 85 -9.43 0.93 -8.41
CA CYS A 85 -10.50 1.90 -8.13
C CYS A 85 -10.93 1.86 -6.66
N ALA A 86 -11.30 3.03 -6.10
CA ALA A 86 -11.79 3.16 -4.73
C ALA A 86 -13.28 3.46 -4.78
N LYS A 87 -14.07 2.94 -3.81
CA LYS A 87 -15.44 3.39 -3.62
C LYS A 87 -15.44 4.86 -3.23
N THR A 88 -16.41 5.62 -3.76
CA THR A 88 -16.43 7.08 -3.65
C THR A 88 -17.03 7.54 -2.31
N ALA A 89 -18.19 6.97 -1.92
CA ALA A 89 -18.74 7.07 -0.57
C ALA A 89 -19.03 5.63 -0.14
N MET A 90 -19.22 5.37 1.17
CA MET A 90 -19.54 3.99 1.54
C MET A 90 -21.04 3.82 1.78
N ASP A 91 -21.58 2.72 1.23
CA ASP A 91 -22.97 2.30 1.41
C ASP A 91 -23.00 1.20 2.48
N ASP A 92 -24.02 1.27 3.34
CA ASP A 92 -24.37 0.27 4.34
C ASP A 92 -24.57 -1.12 3.72
N VAL A 93 -25.00 -1.16 2.44
CA VAL A 93 -25.07 -2.39 1.66
C VAL A 93 -23.70 -3.07 1.55
N TRP A 94 -22.61 -2.30 1.34
CA TRP A 94 -21.26 -2.84 1.22
C TRP A 94 -20.74 -3.45 2.54
N LEU A 95 -21.08 -2.82 3.68
CA LEU A 95 -20.71 -3.32 5.00
C LEU A 95 -21.46 -4.63 5.30
N LYS A 96 -22.74 -4.70 4.90
CA LYS A 96 -23.55 -5.90 5.05
C LYS A 96 -22.96 -7.06 4.24
N LEU A 97 -22.56 -6.74 3.01
CA LEU A 97 -22.10 -7.75 2.08
C LEU A 97 -20.76 -8.35 2.55
N VAL A 98 -19.92 -7.54 3.22
CA VAL A 98 -18.67 -8.00 3.80
C VAL A 98 -18.93 -8.94 4.98
N VAL A 99 -19.81 -8.54 5.93
CA VAL A 99 -20.08 -9.36 7.11
C VAL A 99 -20.82 -10.65 6.72
N ASP A 100 -21.65 -10.61 5.66
CA ASP A 100 -22.33 -11.80 5.19
C ASP A 100 -21.33 -12.75 4.53
N GLN A 101 -20.32 -12.17 3.90
CA GLN A 101 -19.23 -12.93 3.32
C GLN A 101 -18.41 -13.63 4.41
N GLU A 102 -18.05 -12.88 5.47
CA GLU A 102 -17.35 -13.45 6.61
C GLU A 102 -18.14 -14.61 7.19
N ASP A 103 -19.46 -14.45 7.32
CA ASP A 103 -20.33 -15.47 7.91
C ASP A 103 -20.34 -16.73 7.05
N ALA A 104 -20.64 -16.59 5.74
CA ALA A 104 -20.58 -17.67 4.76
C ALA A 104 -19.25 -18.44 4.80
N ASP A 105 -18.12 -17.73 4.97
CA ASP A 105 -16.80 -18.34 5.08
C ASP A 105 -16.57 -19.01 6.46
N GLY A 106 -17.45 -18.80 7.46
CA GLY A 106 -17.43 -19.50 8.73
C GLY A 106 -16.49 -18.86 9.78
N ARG A 107 -16.36 -17.53 9.76
CA ARG A 107 -15.55 -16.78 10.70
C ARG A 107 -16.26 -16.49 12.04
N PHE A 108 -17.58 -16.72 12.17
CA PHE A 108 -18.34 -16.38 13.38
C PHE A 108 -19.01 -17.61 14.00
N ALA A 109 -18.81 -17.83 15.32
CA ALA A 109 -19.32 -19.01 16.00
C ALA A 109 -20.82 -18.91 16.34
N THR A 110 -21.34 -17.68 16.52
CA THR A 110 -22.74 -17.43 16.84
C THR A 110 -23.30 -16.25 16.04
N PRO A 111 -24.64 -15.97 16.10
CA PRO A 111 -25.19 -14.68 15.71
C PRO A 111 -24.69 -13.50 16.57
N GLU A 112 -24.38 -13.75 17.86
CA GLU A 112 -23.80 -12.72 18.72
C GLU A 112 -22.48 -12.25 18.15
N ALA A 113 -21.63 -13.19 17.72
CA ALA A 113 -20.35 -12.88 17.07
C ALA A 113 -20.54 -12.06 15.80
N LYS A 114 -21.51 -12.47 14.95
CA LYS A 114 -21.76 -11.80 13.68
C LYS A 114 -22.32 -10.39 13.88
N ALA A 115 -23.31 -10.22 14.78
CA ALA A 115 -23.91 -8.90 15.01
C ALA A 115 -22.89 -7.92 15.58
N ALA A 116 -21.98 -8.41 16.43
CA ALA A 116 -20.94 -7.60 17.06
C ALA A 116 -19.84 -7.16 16.09
N ASN A 117 -19.55 -7.98 15.06
CA ASN A 117 -18.61 -7.64 14.02
C ASN A 117 -19.17 -6.53 13.12
N ASP A 118 -20.47 -6.67 12.77
CA ASP A 118 -21.15 -5.67 11.95
C ASP A 118 -21.15 -4.33 12.70
N LYS A 119 -21.50 -4.35 13.99
CA LYS A 119 -21.62 -3.14 14.79
C LYS A 119 -20.27 -2.44 14.97
N GLY A 120 -19.19 -3.21 15.20
CA GLY A 120 -17.83 -2.68 15.21
C GLY A 120 -17.43 -2.03 13.90
N ARG A 121 -17.84 -2.62 12.77
CA ARG A 121 -17.49 -2.12 11.44
C ARG A 121 -18.20 -0.78 11.18
N LYS A 122 -19.50 -0.75 11.48
CA LYS A 122 -20.30 0.47 11.52
C LYS A 122 -19.64 1.58 12.36
N PHE A 123 -19.19 1.30 13.60
CA PHE A 123 -18.55 2.28 14.50
C PHE A 123 -17.40 3.03 13.81
N PHE A 124 -16.40 2.31 13.27
CA PHE A 124 -15.24 2.99 12.69
C PHE A 124 -15.60 3.61 11.35
N ALA A 125 -16.35 2.88 10.51
CA ALA A 125 -16.85 3.40 9.25
C ALA A 125 -17.60 4.72 9.44
N ASP A 126 -18.59 4.76 10.35
CA ASP A 126 -19.35 5.97 10.68
C ASP A 126 -18.46 7.13 11.19
N MET A 127 -17.39 6.81 11.96
CA MET A 127 -16.39 7.78 12.42
C MET A 127 -15.77 8.54 11.24
N HIS A 128 -15.40 7.81 10.17
CA HIS A 128 -14.84 8.38 8.95
C HIS A 128 -15.81 9.32 8.22
N ARG A 129 -17.09 8.92 8.03
CA ARG A 129 -18.01 9.71 7.21
C ARG A 129 -18.55 10.89 8.01
N LYS A 130 -19.08 10.62 9.21
CA LYS A 130 -19.86 11.59 9.98
C LYS A 130 -18.94 12.57 10.73
N ASP A 131 -17.90 12.05 11.43
CA ASP A 131 -17.00 12.86 12.26
C ASP A 131 -15.92 13.52 11.40
N LEU A 132 -15.00 12.69 10.86
CA LEU A 132 -13.76 13.16 10.26
C LEU A 132 -13.97 13.64 8.82
N HIS A 133 -15.13 13.30 8.20
CA HIS A 133 -15.42 13.67 6.82
C HIS A 133 -14.27 13.24 5.89
N ASP A 134 -13.69 12.05 6.15
CA ASP A 134 -12.47 11.58 5.52
C ASP A 134 -12.66 10.20 4.84
N ASP A 135 -13.91 9.79 4.59
CA ASP A 135 -14.21 8.40 4.26
C ASP A 135 -13.70 8.12 2.84
N ALA A 136 -13.82 9.10 1.91
CA ALA A 136 -13.26 8.97 0.56
C ALA A 136 -11.75 8.67 0.62
N GLU A 137 -11.04 9.56 1.35
CA GLU A 137 -9.62 9.47 1.56
C GLU A 137 -9.29 8.11 2.21
N TRP A 138 -10.00 7.77 3.29
CA TRP A 138 -9.76 6.54 4.04
C TRP A 138 -9.92 5.31 3.14
N MET A 139 -10.95 5.28 2.30
CA MET A 139 -11.13 4.18 1.37
C MET A 139 -9.99 4.17 0.33
N ALA A 140 -9.58 5.35 -0.18
CA ALA A 140 -8.48 5.43 -1.13
C ALA A 140 -7.16 4.92 -0.54
N LYS A 141 -6.88 5.21 0.76
CA LYS A 141 -5.70 4.73 1.44
C LYS A 141 -5.59 3.20 1.40
N GLN A 142 -6.73 2.54 1.55
CA GLN A 142 -6.78 1.09 1.54
C GLN A 142 -6.43 0.58 0.15
N VAL A 143 -6.84 1.33 -0.90
CA VAL A 143 -6.54 0.93 -2.26
C VAL A 143 -5.01 1.01 -2.45
N TYR A 144 -4.39 2.10 -2.00
CA TYR A 144 -2.94 2.18 -2.08
C TYR A 144 -2.23 1.08 -1.30
N LEU A 145 -2.77 0.62 -0.17
CA LEU A 145 -2.18 -0.53 0.50
C LEU A 145 -2.18 -1.75 -0.40
N ASN A 146 -3.31 -2.00 -1.03
CA ASN A 146 -3.46 -3.03 -2.06
C ASN A 146 -2.45 -2.89 -3.18
N VAL A 147 -2.24 -1.67 -3.69
CA VAL A 147 -1.23 -1.49 -4.72
C VAL A 147 0.12 -1.99 -4.21
N GLY A 148 0.51 -1.61 -2.97
CA GLY A 148 1.81 -1.98 -2.41
C GLY A 148 2.00 -3.51 -2.32
N ASN A 149 0.94 -4.15 -1.87
CA ASN A 149 0.88 -5.59 -1.78
C ASN A 149 1.06 -6.19 -3.18
N PHE A 150 0.30 -5.63 -4.14
CA PHE A 150 0.32 -6.11 -5.50
C PHE A 150 1.70 -6.03 -6.16
N LEU A 151 2.38 -4.90 -6.04
CA LEU A 151 3.65 -4.66 -6.74
C LEU A 151 4.72 -5.64 -6.27
N LEU A 152 4.76 -5.88 -4.97
CA LEU A 152 5.69 -6.85 -4.43
C LEU A 152 5.32 -8.26 -4.85
N GLY A 153 4.03 -8.55 -4.83
CA GLY A 153 3.53 -9.85 -5.20
C GLY A 153 3.89 -10.19 -6.64
N VAL A 154 3.56 -9.28 -7.55
CA VAL A 154 3.90 -9.52 -8.96
C VAL A 154 5.41 -9.65 -9.10
N ALA A 155 6.17 -8.82 -8.34
CA ALA A 155 7.60 -8.95 -8.45
C ALA A 155 8.03 -10.35 -8.00
N ALA A 156 7.35 -10.96 -7.01
CA ALA A 156 7.74 -12.28 -6.49
C ALA A 156 7.36 -13.38 -7.44
N LEU A 157 6.32 -13.13 -8.23
CA LEU A 157 5.99 -14.02 -9.32
C LEU A 157 7.00 -13.97 -10.46
N GLY A 158 7.96 -13.04 -10.45
CA GLY A 158 8.90 -12.86 -11.54
C GLY A 158 8.31 -12.09 -12.72
N LEU A 159 7.42 -11.13 -12.42
CA LEU A 159 6.80 -10.32 -13.46
C LEU A 159 7.21 -8.88 -13.25
N ASP A 160 7.22 -8.16 -14.38
CA ASP A 160 7.53 -6.75 -14.38
C ASP A 160 6.25 -5.98 -14.21
N ALA A 161 6.32 -4.80 -13.60
CA ALA A 161 5.15 -3.93 -13.48
C ALA A 161 5.56 -2.49 -13.36
N VAL A 162 4.61 -1.55 -13.43
CA VAL A 162 4.93 -0.15 -13.16
C VAL A 162 3.68 0.49 -12.57
N PRO A 163 3.75 1.12 -11.38
CA PRO A 163 2.62 1.89 -10.89
C PRO A 163 2.56 3.23 -11.62
N ILE A 164 1.37 3.59 -12.11
CA ILE A 164 1.17 4.86 -12.79
C ILE A 164 0.12 5.67 -12.05
N GLU A 165 0.51 6.84 -11.51
CA GLU A 165 -0.37 7.96 -11.14
C GLU A 165 -0.50 8.95 -12.29
N GLY A 166 0.43 8.89 -13.26
CA GLY A 166 0.40 9.79 -14.42
C GLY A 166 -0.66 9.38 -15.46
N PHE A 167 -1.93 9.57 -15.10
CA PHE A 167 -3.01 9.41 -16.04
C PHE A 167 -4.18 10.31 -15.64
N ASP A 168 -5.12 10.42 -16.56
CA ASP A 168 -6.28 11.27 -16.39
C ASP A 168 -7.44 10.44 -15.88
N ALA A 169 -7.60 10.49 -14.55
CA ALA A 169 -8.65 9.79 -13.84
C ALA A 169 -10.02 10.17 -14.34
N ALA A 170 -10.22 11.44 -14.75
CA ALA A 170 -11.49 11.87 -15.31
C ALA A 170 -11.80 11.10 -16.60
N ILE A 171 -10.78 10.92 -17.45
CA ILE A 171 -11.00 10.24 -18.72
C ILE A 171 -11.30 8.77 -18.43
N LEU A 172 -10.55 8.11 -17.55
CA LEU A 172 -10.65 6.67 -17.33
C LEU A 172 -11.99 6.32 -16.69
N ASP A 173 -12.42 7.15 -15.72
CA ASP A 173 -13.73 7.03 -15.07
C ASP A 173 -14.87 7.03 -16.10
N ALA A 174 -14.90 8.06 -16.97
CA ALA A 174 -15.95 8.19 -17.97
C ALA A 174 -15.89 7.06 -19.00
N GLU A 175 -14.67 6.64 -19.34
CA GLU A 175 -14.52 5.55 -20.28
C GLU A 175 -15.17 4.29 -19.73
N PHE A 176 -15.08 4.04 -18.41
CA PHE A 176 -15.63 2.83 -17.80
C PHE A 176 -16.92 3.09 -17.00
N GLY A 177 -17.49 4.32 -17.03
CA GLY A 177 -18.73 4.64 -16.31
C GLY A 177 -18.62 4.43 -14.80
N LEU A 178 -17.45 4.75 -14.23
CA LEU A 178 -17.14 4.46 -12.84
C LEU A 178 -17.91 5.39 -11.89
N LYS A 179 -17.98 6.69 -12.20
CA LYS A 179 -18.69 7.62 -11.34
C LYS A 179 -20.09 7.09 -11.01
N GLU A 180 -20.82 6.57 -12.02
CA GLU A 180 -22.21 6.12 -11.90
C GLU A 180 -22.29 4.84 -11.07
N LYS A 181 -21.34 3.92 -11.26
CA LYS A 181 -21.23 2.72 -10.43
C LYS A 181 -20.66 2.99 -9.03
N GLY A 182 -20.14 4.20 -8.74
CA GLY A 182 -19.70 4.63 -7.42
C GLY A 182 -18.21 4.35 -7.15
N TYR A 183 -17.38 4.47 -8.19
CA TYR A 183 -15.96 4.24 -8.08
C TYR A 183 -15.19 5.39 -8.73
N THR A 184 -13.90 5.42 -8.45
CA THR A 184 -13.00 6.37 -9.08
C THR A 184 -11.63 5.71 -9.17
N SER A 185 -10.97 5.87 -10.33
CA SER A 185 -9.67 5.25 -10.62
C SER A 185 -8.59 6.03 -9.89
N LEU A 186 -7.58 5.31 -9.36
CA LEU A 186 -6.47 5.91 -8.63
C LEU A 186 -5.11 5.61 -9.26
N VAL A 187 -4.85 4.32 -9.52
CA VAL A 187 -3.53 3.88 -9.95
C VAL A 187 -3.72 2.84 -11.04
N VAL A 188 -2.90 2.94 -12.10
CA VAL A 188 -2.91 1.96 -13.19
C VAL A 188 -1.59 1.18 -13.13
N VAL A 189 -1.70 -0.16 -13.21
CA VAL A 189 -0.51 -0.98 -13.04
C VAL A 189 -0.44 -1.94 -14.24
N PRO A 190 0.29 -1.57 -15.31
CA PRO A 190 0.63 -2.51 -16.37
C PRO A 190 1.54 -3.61 -15.84
N VAL A 191 1.27 -4.86 -16.22
CA VAL A 191 2.03 -6.00 -15.74
C VAL A 191 2.52 -6.78 -16.96
N GLY A 192 3.78 -7.22 -16.95
CA GLY A 192 4.20 -8.15 -17.99
C GLY A 192 5.70 -8.48 -17.90
N HIS A 193 6.40 -8.33 -19.01
CA HIS A 193 7.82 -8.55 -19.11
C HIS A 193 8.44 -7.30 -19.75
N HIS A 194 9.52 -6.77 -19.14
CA HIS A 194 10.25 -5.62 -19.68
C HIS A 194 10.94 -5.99 -21.00
N SER A 195 11.13 -4.97 -21.87
CA SER A 195 11.86 -5.12 -23.12
C SER A 195 13.29 -4.63 -22.89
N VAL A 196 14.17 -4.85 -23.85
CA VAL A 196 15.52 -4.29 -23.77
C VAL A 196 15.48 -2.75 -23.78
N GLU A 197 14.39 -2.12 -24.21
CA GLU A 197 14.30 -0.67 -24.23
C GLU A 197 13.91 -0.10 -22.85
N ASP A 198 13.60 -0.91 -21.81
CA ASP A 198 13.45 -0.45 -20.43
C ASP A 198 14.78 0.01 -19.82
N PHE A 199 15.06 1.33 -19.93
CA PHE A 199 16.30 1.93 -19.45
C PHE A 199 16.44 1.74 -17.94
N ASN A 200 15.29 1.63 -17.24
CA ASN A 200 15.27 1.51 -15.80
C ASN A 200 15.60 0.10 -15.30
N ALA A 201 15.62 -0.91 -16.18
CA ALA A 201 15.93 -2.27 -15.77
C ALA A 201 17.39 -2.39 -15.32
N THR A 202 18.28 -1.60 -15.94
CA THR A 202 19.72 -1.68 -15.71
C THR A 202 20.25 -0.42 -15.00
N LEU A 203 19.41 0.35 -14.30
CA LEU A 203 19.86 1.49 -13.50
C LEU A 203 19.89 1.03 -12.05
N PRO A 204 20.79 1.59 -11.21
CA PRO A 204 20.73 1.33 -9.78
C PRO A 204 19.47 1.86 -9.10
N LYS A 205 19.03 1.14 -8.07
CA LYS A 205 17.95 1.58 -7.21
C LYS A 205 18.49 2.70 -6.29
N SER A 206 17.67 3.75 -6.08
CA SER A 206 18.04 4.84 -5.20
C SER A 206 16.98 5.04 -4.13
N ARG A 207 17.43 5.10 -2.86
CA ARG A 207 16.57 5.45 -1.75
C ARG A 207 17.32 6.33 -0.78
N LEU A 208 16.58 7.15 -0.02
CA LEU A 208 17.17 7.93 1.05
C LEU A 208 17.80 6.99 2.08
N PRO A 209 18.94 7.35 2.71
CA PRO A 209 19.52 6.51 3.76
C PRO A 209 18.62 6.46 5.00
N GLN A 210 18.72 5.32 5.69
CA GLN A 210 17.88 5.09 6.84
C GLN A 210 18.15 6.07 7.98
N ASN A 211 19.37 6.68 8.06
CA ASN A 211 19.64 7.67 9.09
C ASN A 211 18.77 8.91 8.92
N ILE A 212 18.21 9.15 7.73
CA ILE A 212 17.22 10.18 7.49
C ILE A 212 15.80 9.70 7.80
N THR A 213 15.44 8.50 7.35
CA THR A 213 14.06 8.07 7.36
C THR A 213 13.64 7.31 8.62
N LEU A 214 14.57 6.82 9.47
CA LEU A 214 14.23 5.78 10.42
C LEU A 214 14.83 6.04 11.81
N THR A 215 13.97 6.02 12.84
CA THR A 215 14.33 6.21 14.24
C THR A 215 14.09 4.90 14.96
N GLU A 216 15.11 4.34 15.60
CA GLU A 216 14.95 3.15 16.43
C GLU A 216 14.86 3.58 17.89
N VAL A 217 13.84 3.12 18.61
CA VAL A 217 13.66 3.36 20.04
C VAL A 217 13.45 1.99 20.70
N ASP B 2 6.16 -19.95 -2.65
CA ASP B 2 5.24 -19.27 -3.59
C ASP B 2 4.61 -18.06 -2.87
N ILE B 3 4.63 -16.91 -3.50
CA ILE B 3 4.09 -15.70 -2.88
C ILE B 3 2.57 -15.75 -2.73
N ILE B 4 1.84 -16.55 -3.55
CA ILE B 4 0.40 -16.75 -3.40
C ILE B 4 0.09 -17.51 -2.11
N SER B 5 0.82 -18.62 -1.85
CA SER B 5 0.74 -19.34 -0.61
C SER B 5 0.80 -18.36 0.55
N VAL B 6 1.83 -17.52 0.56
CA VAL B 6 2.00 -16.49 1.57
C VAL B 6 0.79 -15.57 1.67
N ALA B 7 0.33 -15.00 0.57
CA ALA B 7 -0.87 -14.15 0.57
C ALA B 7 -2.08 -14.90 1.14
N LEU B 8 -2.22 -16.21 0.83
CA LEU B 8 -3.41 -16.93 1.19
C LEU B 8 -3.37 -17.37 2.65
N LYS B 9 -2.17 -17.45 3.23
CA LYS B 9 -2.00 -17.94 4.58
C LYS B 9 -1.78 -16.82 5.60
N ARG B 10 -1.33 -15.64 5.21
CA ARG B 10 -1.04 -14.63 6.20
C ARG B 10 -2.35 -14.21 6.86
N HIS B 11 -2.26 -13.60 8.05
CA HIS B 11 -3.41 -13.05 8.75
C HIS B 11 -3.02 -11.89 9.67
N SER B 12 -4.01 -11.08 10.06
CA SER B 12 -3.83 -10.11 11.12
C SER B 12 -3.75 -10.85 12.45
N THR B 13 -2.60 -10.77 13.11
CA THR B 13 -2.36 -11.39 14.41
C THR B 13 -3.11 -10.63 15.52
N LYS B 14 -3.88 -11.34 16.34
CA LYS B 14 -4.68 -10.73 17.40
C LYS B 14 -3.94 -10.73 18.74
N ALA B 15 -2.91 -11.58 18.88
CA ALA B 15 -2.12 -11.65 20.10
C ALA B 15 -0.72 -12.16 19.76
N PHE B 16 0.30 -11.51 20.33
CA PHE B 16 1.68 -11.93 20.15
C PHE B 16 2.27 -12.50 21.42
N ASP B 17 3.28 -13.34 21.20
CA ASP B 17 4.03 -13.97 22.26
C ASP B 17 5.13 -13.00 22.66
N ALA B 18 5.03 -12.44 23.87
CA ALA B 18 5.93 -11.41 24.38
C ALA B 18 7.37 -11.90 24.55
N SER B 19 7.60 -13.21 24.58
CA SER B 19 8.94 -13.79 24.75
C SER B 19 9.62 -14.09 23.40
N LYS B 20 8.88 -14.06 22.29
CA LYS B 20 9.40 -14.33 20.96
C LYS B 20 9.89 -13.05 20.28
N LYS B 21 11.21 -12.93 20.11
CA LYS B 21 11.81 -11.76 19.48
C LYS B 21 12.35 -12.08 18.08
N LEU B 22 12.33 -11.07 17.19
CA LEU B 22 13.00 -11.16 15.90
C LEU B 22 14.48 -11.44 16.10
N THR B 23 15.09 -12.19 15.17
CA THR B 23 16.54 -12.30 15.12
C THR B 23 17.13 -10.94 14.75
N PRO B 24 18.41 -10.63 15.11
CA PRO B 24 19.12 -9.48 14.55
C PRO B 24 18.97 -9.34 13.03
N GLU B 25 19.04 -10.43 12.26
CA GLU B 25 18.94 -10.35 10.82
C GLU B 25 17.53 -9.91 10.37
N GLN B 26 16.48 -10.52 10.95
CA GLN B 26 15.11 -10.11 10.68
C GLN B 26 14.88 -8.64 10.95
N ALA B 27 15.45 -8.11 12.03
CA ALA B 27 15.35 -6.68 12.30
C ALA B 27 16.02 -5.83 11.23
N GLU B 28 17.11 -6.33 10.62
CA GLU B 28 17.71 -5.70 9.46
C GLU B 28 16.75 -5.73 8.29
N GLN B 29 16.22 -6.91 8.01
CA GLN B 29 15.32 -7.12 6.89
C GLN B 29 14.09 -6.22 6.93
N ILE B 30 13.44 -6.03 8.07
CA ILE B 30 12.23 -5.22 8.09
C ILE B 30 12.56 -3.76 7.77
N LYS B 31 13.76 -3.30 8.14
CA LYS B 31 14.19 -1.93 7.82
C LYS B 31 14.48 -1.76 6.32
N THR B 32 15.10 -2.79 5.73
CA THR B 32 15.32 -2.83 4.31
C THR B 32 14.01 -2.71 3.53
N LEU B 33 12.95 -3.39 3.98
CA LEU B 33 11.66 -3.34 3.31
C LEU B 33 11.05 -1.93 3.35
N LEU B 34 11.13 -1.30 4.51
CA LEU B 34 10.58 0.04 4.70
C LEU B 34 11.30 1.01 3.77
N GLN B 35 12.62 0.84 3.69
CA GLN B 35 13.44 1.76 2.94
C GLN B 35 13.15 1.68 1.42
N TYR B 36 13.05 0.44 0.88
CA TYR B 36 13.01 0.15 -0.54
C TYR B 36 11.59 0.05 -1.11
N SER B 37 10.55 0.36 -0.33
CA SER B 37 9.23 0.51 -0.92
C SER B 37 9.31 1.52 -2.08
N PRO B 38 8.61 1.32 -3.21
CA PRO B 38 8.49 2.37 -4.22
C PRO B 38 7.53 3.46 -3.75
N SER B 39 7.51 4.58 -4.47
CA SER B 39 6.67 5.73 -4.12
C SER B 39 6.57 6.63 -5.36
N SER B 40 5.43 7.32 -5.54
CA SER B 40 5.27 8.25 -6.64
C SER B 40 6.50 9.16 -6.69
N LEU B 41 7.12 9.29 -7.89
CA LEU B 41 8.26 10.15 -8.15
C LEU B 41 9.49 9.75 -7.35
N ASN B 42 9.50 8.57 -6.72
CA ASN B 42 10.45 8.21 -5.66
C ASN B 42 10.55 9.30 -4.59
N SER B 43 9.42 9.94 -4.28
CA SER B 43 9.35 11.04 -3.35
C SER B 43 9.60 10.59 -1.91
N GLN B 44 9.36 9.28 -1.61
CA GLN B 44 9.66 8.65 -0.31
C GLN B 44 9.20 9.57 0.83
N PRO B 45 7.92 10.02 0.87
CA PRO B 45 7.51 11.10 1.79
C PRO B 45 7.22 10.58 3.21
N TRP B 46 8.25 10.03 3.89
CA TRP B 46 7.97 9.15 5.02
C TRP B 46 9.05 9.14 6.10
N HIS B 47 8.60 8.83 7.32
CA HIS B 47 9.44 8.49 8.45
C HIS B 47 8.90 7.23 9.10
N PHE B 48 9.83 6.41 9.60
CA PHE B 48 9.52 5.19 10.33
C PHE B 48 10.11 5.28 11.74
N ILE B 49 9.31 4.95 12.76
CA ILE B 49 9.76 4.76 14.12
C ILE B 49 9.71 3.26 14.37
N VAL B 50 10.86 2.60 14.59
CA VAL B 50 10.89 1.19 14.88
C VAL B 50 11.23 1.03 16.35
N ALA B 51 10.22 0.60 17.12
CA ALA B 51 10.33 0.47 18.54
C ALA B 51 10.64 -1.00 18.84
N SER B 52 11.84 -1.27 19.40
CA SER B 52 12.19 -2.62 19.84
C SER B 52 12.53 -2.73 21.33
N THR B 53 12.73 -1.60 22.04
CA THR B 53 12.87 -1.64 23.47
C THR B 53 11.48 -1.64 24.09
N GLU B 54 11.42 -2.12 25.35
CA GLU B 54 10.17 -2.12 26.08
C GLU B 54 9.81 -0.66 26.38
N GLU B 55 10.79 0.21 26.63
CA GLU B 55 10.51 1.62 26.87
C GLU B 55 9.95 2.23 25.61
N GLY B 56 10.57 1.91 24.46
CA GLY B 56 10.16 2.37 23.16
C GLY B 56 8.73 2.00 22.82
N LYS B 57 8.39 0.72 22.98
CA LYS B 57 7.06 0.23 22.67
C LYS B 57 6.01 0.84 23.59
N ALA B 58 6.39 1.07 24.85
CA ALA B 58 5.53 1.73 25.82
C ALA B 58 5.16 3.13 25.33
N ARG B 59 6.16 3.89 24.88
CA ARG B 59 5.93 5.21 24.31
C ARG B 59 4.92 5.16 23.17
N VAL B 60 4.95 4.12 22.31
CA VAL B 60 4.03 3.98 21.19
C VAL B 60 2.65 3.59 21.70
N ALA B 61 2.62 2.67 22.67
CA ALA B 61 1.39 2.12 23.26
C ALA B 61 0.57 3.18 23.99
N LYS B 62 1.20 4.30 24.37
CA LYS B 62 0.49 5.44 24.94
C LYS B 62 -0.63 5.90 24.04
N SER B 63 -0.41 5.80 22.72
CA SER B 63 -1.38 6.17 21.69
C SER B 63 -2.64 5.30 21.71
N ALA B 64 -2.57 4.09 22.26
CA ALA B 64 -3.74 3.23 22.42
C ALA B 64 -4.36 3.26 23.83
N ALA B 65 -3.66 3.72 24.88
CA ALA B 65 -4.23 3.80 26.24
C ALA B 65 -5.57 4.51 26.23
N GLY B 66 -6.47 4.11 27.14
CA GLY B 66 -7.88 4.46 27.02
C GLY B 66 -8.56 3.72 25.86
N ASN B 67 -8.81 4.39 24.73
CA ASN B 67 -9.86 3.96 23.82
C ASN B 67 -9.45 2.79 22.92
N TYR B 68 -8.14 2.56 22.76
CA TYR B 68 -7.70 1.53 21.82
C TYR B 68 -6.98 0.41 22.57
N VAL B 69 -7.50 0.02 23.73
CA VAL B 69 -6.68 -0.76 24.65
C VAL B 69 -6.40 -2.16 24.10
N PHE B 70 -7.26 -2.75 23.25
CA PHE B 70 -6.97 -4.01 22.59
C PHE B 70 -5.74 -3.88 21.67
N SER B 71 -5.53 -2.68 21.10
CA SER B 71 -4.33 -2.40 20.34
C SER B 71 -3.11 -2.33 21.25
N GLU B 72 -3.28 -1.95 22.54
CA GLU B 72 -2.20 -1.81 23.48
C GLU B 72 -1.43 -3.09 23.66
N ARG B 73 -2.15 -4.20 23.89
CA ARG B 73 -1.50 -5.48 24.15
C ARG B 73 -0.63 -5.86 22.97
N LYS B 74 -1.19 -5.71 21.75
CA LYS B 74 -0.52 -6.01 20.49
C LYS B 74 0.76 -5.19 20.35
N MET B 75 0.72 -3.90 20.69
CA MET B 75 1.87 -3.02 20.60
C MET B 75 2.95 -3.38 21.63
N LEU B 76 2.53 -3.82 22.82
CA LEU B 76 3.48 -4.12 23.89
C LEU B 76 4.03 -5.54 23.78
N ASP B 77 3.19 -6.51 23.34
CA ASP B 77 3.58 -7.90 23.32
C ASP B 77 4.60 -8.15 22.21
N ALA B 78 4.44 -7.49 21.07
CA ALA B 78 5.16 -7.78 19.84
C ALA B 78 6.66 -7.46 19.99
N SER B 79 7.48 -8.15 19.22
CA SER B 79 8.93 -7.92 19.17
C SER B 79 9.28 -6.51 18.71
N HIS B 80 8.77 -6.09 17.55
CA HIS B 80 9.06 -4.80 16.95
C HIS B 80 7.74 -4.12 16.57
N VAL B 81 7.64 -2.82 16.83
CA VAL B 81 6.49 -2.03 16.44
C VAL B 81 6.95 -0.90 15.53
N VAL B 82 6.41 -0.81 14.31
CA VAL B 82 6.80 0.20 13.33
C VAL B 82 5.70 1.23 13.27
N VAL B 83 6.04 2.51 13.51
CA VAL B 83 5.10 3.58 13.23
C VAL B 83 5.42 4.13 11.84
N PHE B 84 4.46 4.01 10.92
CA PHE B 84 4.51 4.64 9.61
C PHE B 84 4.00 6.08 9.68
N CYS B 85 4.88 7.04 9.36
CA CYS B 85 4.55 8.46 9.34
C CYS B 85 4.69 9.08 7.95
N ALA B 86 3.82 10.07 7.65
CA ALA B 86 3.79 10.78 6.38
C ALA B 86 4.28 12.20 6.64
N LYS B 87 5.06 12.77 5.69
CA LYS B 87 5.38 14.20 5.70
C LYS B 87 4.09 14.99 5.59
N THR B 88 4.03 16.13 6.27
CA THR B 88 2.79 16.90 6.37
C THR B 88 2.67 17.89 5.22
N ALA B 89 3.77 18.62 4.89
CA ALA B 89 3.84 19.40 3.66
C ALA B 89 5.07 18.92 2.88
N MET B 90 5.08 19.16 1.56
CA MET B 90 6.20 18.77 0.75
C MET B 90 7.09 20.01 0.59
N ASP B 91 8.34 19.92 1.10
CA ASP B 91 9.34 20.98 1.05
C ASP B 91 10.29 20.71 -0.12
N ASP B 92 10.72 21.81 -0.76
CA ASP B 92 11.66 21.75 -1.88
C ASP B 92 13.02 21.20 -1.44
N VAL B 93 13.34 21.30 -0.15
CA VAL B 93 14.51 20.63 0.45
C VAL B 93 14.41 19.11 0.27
N TRP B 94 13.22 18.52 0.51
CA TRP B 94 13.01 17.07 0.41
C TRP B 94 13.14 16.57 -1.04
N LEU B 95 12.69 17.38 -2.00
CA LEU B 95 12.76 17.05 -3.42
C LEU B 95 14.22 17.10 -3.88
N LYS B 96 14.97 18.09 -3.40
CA LYS B 96 16.39 18.19 -3.68
C LYS B 96 17.14 16.99 -3.13
N LEU B 97 16.80 16.59 -1.91
CA LEU B 97 17.54 15.55 -1.22
C LEU B 97 17.36 14.18 -1.91
N VAL B 98 16.16 13.97 -2.50
CA VAL B 98 15.85 12.79 -3.29
C VAL B 98 16.63 12.78 -4.59
N VAL B 99 16.59 13.89 -5.35
CA VAL B 99 17.26 13.93 -6.65
C VAL B 99 18.78 13.85 -6.48
N ASP B 100 19.31 14.43 -5.37
CA ASP B 100 20.75 14.36 -5.10
C ASP B 100 21.14 12.94 -4.70
N GLN B 101 20.24 12.23 -4.03
CA GLN B 101 20.45 10.83 -3.70
C GLN B 101 20.45 9.97 -4.98
N GLU B 102 19.46 10.19 -5.88
CA GLU B 102 19.44 9.52 -7.17
C GLU B 102 20.75 9.75 -7.89
N ASP B 103 21.28 10.97 -7.88
CA ASP B 103 22.51 11.33 -8.58
C ASP B 103 23.72 10.60 -8.02
N ALA B 104 23.92 10.71 -6.70
CA ALA B 104 24.90 9.94 -5.94
C ALA B 104 24.88 8.44 -6.24
N ASP B 105 23.69 7.84 -6.39
CA ASP B 105 23.55 6.42 -6.73
C ASP B 105 23.85 6.14 -8.20
N GLY B 106 24.01 7.19 -9.04
CA GLY B 106 24.43 7.04 -10.42
C GLY B 106 23.28 6.72 -11.38
N ARG B 107 22.11 7.31 -11.08
CA ARG B 107 20.92 7.11 -11.88
C ARG B 107 20.90 8.04 -13.09
N PHE B 108 21.73 9.10 -13.17
CA PHE B 108 21.67 10.10 -14.26
C PHE B 108 22.93 10.12 -15.09
N ALA B 109 22.78 10.00 -16.43
CA ALA B 109 23.92 9.94 -17.35
C ALA B 109 24.56 11.31 -17.55
N THR B 110 23.78 12.40 -17.44
CA THR B 110 24.28 13.76 -17.62
C THR B 110 23.68 14.70 -16.58
N PRO B 111 24.14 15.96 -16.44
CA PRO B 111 23.38 16.98 -15.70
C PRO B 111 22.06 17.37 -16.37
N GLU B 112 21.97 17.21 -17.71
CA GLU B 112 20.70 17.37 -18.42
C GLU B 112 19.68 16.38 -17.87
N ALA B 113 20.08 15.10 -17.71
CA ALA B 113 19.22 14.06 -17.14
C ALA B 113 18.77 14.42 -15.72
N LYS B 114 19.72 14.90 -14.89
CA LYS B 114 19.43 15.25 -13.51
C LYS B 114 18.47 16.44 -13.43
N ALA B 115 18.70 17.52 -14.19
CA ALA B 115 17.85 18.70 -14.14
C ALA B 115 16.43 18.37 -14.59
N ALA B 116 16.31 17.48 -15.59
CA ALA B 116 15.03 17.05 -16.15
C ALA B 116 14.18 16.23 -15.17
N ASN B 117 14.86 15.45 -14.32
CA ASN B 117 14.21 14.64 -13.30
C ASN B 117 13.66 15.54 -12.17
N ASP B 118 14.49 16.49 -11.74
CA ASP B 118 14.13 17.45 -10.70
C ASP B 118 12.91 18.24 -11.20
N LYS B 119 12.93 18.70 -12.46
CA LYS B 119 11.86 19.50 -13.07
C LYS B 119 10.53 18.76 -13.09
N GLY B 120 10.56 17.51 -13.57
CA GLY B 120 9.41 16.63 -13.53
C GLY B 120 8.85 16.46 -12.12
N ARG B 121 9.73 16.29 -11.13
CA ARG B 121 9.34 16.04 -9.75
C ARG B 121 8.64 17.28 -9.14
N LYS B 122 9.24 18.46 -9.35
CA LYS B 122 8.67 19.77 -9.05
C LYS B 122 7.27 19.93 -9.66
N PHE B 123 7.09 19.63 -10.96
CA PHE B 123 5.82 19.75 -11.68
C PHE B 123 4.69 18.99 -10.98
N PHE B 124 4.87 17.71 -10.65
CA PHE B 124 3.80 16.91 -10.04
C PHE B 124 3.61 17.34 -8.58
N ALA B 125 4.72 17.50 -7.85
CA ALA B 125 4.66 17.94 -6.45
C ALA B 125 3.90 19.26 -6.33
N ASP B 126 4.26 20.29 -7.13
CA ASP B 126 3.55 21.57 -7.17
C ASP B 126 2.07 21.42 -7.55
N MET B 127 1.75 20.49 -8.47
CA MET B 127 0.39 20.17 -8.89
C MET B 127 -0.47 19.68 -7.72
N HIS B 128 0.09 18.80 -6.87
CA HIS B 128 -0.60 18.34 -5.67
C HIS B 128 -0.86 19.48 -4.67
N ARG B 129 0.14 20.34 -4.43
CA ARG B 129 0.05 21.37 -3.40
C ARG B 129 -0.86 22.51 -3.86
N LYS B 130 -0.60 23.08 -5.05
CA LYS B 130 -1.23 24.32 -5.49
C LYS B 130 -2.61 24.05 -6.13
N ASP B 131 -2.68 23.06 -7.05
CA ASP B 131 -3.83 22.83 -7.92
C ASP B 131 -4.88 21.97 -7.21
N LEU B 132 -4.48 20.73 -6.91
CA LEU B 132 -5.38 19.71 -6.39
C LEU B 132 -5.53 19.86 -4.88
N HIS B 133 -4.66 20.66 -4.23
CA HIS B 133 -4.77 20.93 -2.80
C HIS B 133 -4.82 19.61 -2.01
N ASP B 134 -4.02 18.62 -2.43
CA ASP B 134 -4.14 17.25 -1.92
C ASP B 134 -2.80 16.66 -1.49
N ASP B 135 -1.80 17.51 -1.19
CA ASP B 135 -0.42 17.03 -1.11
C ASP B 135 -0.27 16.18 0.16
N ALA B 136 -0.91 16.59 1.27
CA ALA B 136 -0.90 15.77 2.47
C ALA B 136 -1.48 14.37 2.20
N GLU B 137 -2.68 14.33 1.61
CA GLU B 137 -3.37 13.09 1.26
C GLU B 137 -2.48 12.25 0.34
N TRP B 138 -1.94 12.89 -0.72
CA TRP B 138 -1.12 12.22 -1.71
C TRP B 138 0.11 11.60 -1.06
N MET B 139 0.75 12.34 -0.13
CA MET B 139 1.88 11.79 0.61
C MET B 139 1.42 10.64 1.49
N ALA B 140 0.27 10.78 2.17
CA ALA B 140 -0.23 9.68 2.99
C ALA B 140 -0.50 8.40 2.19
N LYS B 141 -1.08 8.54 0.98
CA LYS B 141 -1.31 7.40 0.12
C LYS B 141 -0.05 6.59 -0.12
N GLN B 142 1.06 7.28 -0.32
CA GLN B 142 2.35 6.62 -0.55
C GLN B 142 2.79 5.83 0.68
N VAL B 143 2.47 6.33 1.89
CA VAL B 143 2.80 5.61 3.11
C VAL B 143 1.97 4.33 3.17
N TYR B 144 0.66 4.42 2.86
CA TYR B 144 -0.15 3.21 2.80
C TYR B 144 0.36 2.20 1.78
N LEU B 145 0.91 2.66 0.65
CA LEU B 145 1.52 1.74 -0.32
C LEU B 145 2.65 0.98 0.35
N ASN B 146 3.55 1.72 1.01
CA ASN B 146 4.61 1.16 1.83
C ASN B 146 4.10 0.12 2.84
N VAL B 147 3.02 0.42 3.56
CA VAL B 147 2.44 -0.53 4.49
C VAL B 147 2.10 -1.85 3.79
N GLY B 148 1.45 -1.77 2.62
CA GLY B 148 1.02 -2.97 1.87
C GLY B 148 2.18 -3.86 1.46
N ASN B 149 3.21 -3.20 0.95
CA ASN B 149 4.50 -3.80 0.65
C ASN B 149 5.05 -4.50 1.90
N PHE B 150 5.12 -3.74 2.98
CA PHE B 150 5.66 -4.23 4.25
C PHE B 150 4.96 -5.51 4.78
N LEU B 151 3.63 -5.54 4.77
CA LEU B 151 2.88 -6.62 5.36
C LEU B 151 3.13 -7.93 4.63
N LEU B 152 3.19 -7.83 3.32
CA LEU B 152 3.43 -9.00 2.53
C LEU B 152 4.86 -9.44 2.74
N GLY B 153 5.78 -8.47 2.74
CA GLY B 153 7.20 -8.73 2.98
C GLY B 153 7.43 -9.49 4.28
N VAL B 154 6.91 -8.93 5.38
CA VAL B 154 7.10 -9.56 6.66
C VAL B 154 6.44 -10.94 6.68
N ALA B 155 5.24 -11.04 6.08
CA ALA B 155 4.61 -12.35 6.00
C ALA B 155 5.50 -13.34 5.25
N ALA B 156 6.19 -12.90 4.19
CA ALA B 156 7.05 -13.78 3.40
C ALA B 156 8.33 -14.12 4.15
N LEU B 157 8.76 -13.25 5.06
CA LEU B 157 9.85 -13.63 5.96
C LEU B 157 9.42 -14.67 6.98
N GLY B 158 8.12 -15.01 7.06
CA GLY B 158 7.64 -15.92 8.07
C GLY B 158 7.40 -15.25 9.41
N LEU B 159 7.04 -13.95 9.42
CA LEU B 159 6.78 -13.23 10.66
C LEU B 159 5.30 -12.88 10.72
N ASP B 160 4.76 -12.77 11.95
CA ASP B 160 3.38 -12.35 12.16
C ASP B 160 3.37 -10.81 12.28
N ALA B 161 2.27 -10.17 11.88
CA ALA B 161 2.13 -8.72 11.95
C ALA B 161 0.65 -8.39 12.01
N VAL B 162 0.33 -7.12 12.29
CA VAL B 162 -1.04 -6.65 12.25
C VAL B 162 -1.01 -5.17 11.95
N PRO B 163 -1.72 -4.69 10.91
CA PRO B 163 -1.83 -3.24 10.70
C PRO B 163 -2.85 -2.65 11.66
N ILE B 164 -2.50 -1.55 12.34
CA ILE B 164 -3.40 -0.88 13.29
C ILE B 164 -3.62 0.59 12.88
N GLU B 165 -4.86 0.94 12.53
CA GLU B 165 -5.37 2.30 12.49
C GLU B 165 -6.05 2.68 13.81
N GLY B 166 -6.30 1.70 14.70
CA GLY B 166 -6.89 1.90 16.02
C GLY B 166 -5.85 2.38 17.04
N PHE B 167 -5.50 3.66 16.90
CA PHE B 167 -4.69 4.37 17.87
C PHE B 167 -4.95 5.86 17.69
N ASP B 168 -4.51 6.65 18.68
CA ASP B 168 -4.70 8.08 18.68
C ASP B 168 -3.45 8.76 18.11
N ALA B 169 -3.55 9.11 16.82
CA ALA B 169 -2.51 9.77 16.04
C ALA B 169 -2.02 11.04 16.74
N ALA B 170 -2.95 11.78 17.37
CA ALA B 170 -2.62 12.98 18.12
C ALA B 170 -1.71 12.66 19.30
N ILE B 171 -2.01 11.55 20.01
CA ILE B 171 -1.20 11.21 21.19
C ILE B 171 0.19 10.77 20.71
N LEU B 172 0.27 9.93 19.68
CA LEU B 172 1.54 9.36 19.28
C LEU B 172 2.46 10.44 18.68
N ASP B 173 1.86 11.36 17.92
CA ASP B 173 2.54 12.53 17.38
C ASP B 173 3.25 13.30 18.48
N ALA B 174 2.49 13.72 19.50
CA ALA B 174 3.03 14.50 20.61
C ALA B 174 4.06 13.71 21.42
N GLU B 175 3.88 12.38 21.52
CA GLU B 175 4.83 11.53 22.23
C GLU B 175 6.20 11.58 21.56
N PHE B 176 6.25 11.66 20.21
CA PHE B 176 7.54 11.77 19.52
C PHE B 176 7.81 13.16 18.94
N GLY B 177 6.98 14.18 19.20
CA GLY B 177 7.16 15.52 18.64
C GLY B 177 7.15 15.55 17.11
N LEU B 178 6.24 14.77 16.49
CA LEU B 178 6.17 14.62 15.04
C LEU B 178 5.62 15.87 14.36
N LYS B 179 4.58 16.49 14.91
CA LYS B 179 4.01 17.69 14.31
C LYS B 179 5.12 18.73 14.03
N GLU B 180 6.04 18.93 15.00
CA GLU B 180 7.08 19.94 14.94
C GLU B 180 8.16 19.56 13.92
N LYS B 181 8.50 18.27 13.83
CA LYS B 181 9.41 17.77 12.80
C LYS B 181 8.75 17.65 11.42
N GLY B 182 7.41 17.81 11.33
CA GLY B 182 6.69 17.82 10.06
C GLY B 182 6.22 16.42 9.62
N TYR B 183 5.81 15.58 10.57
CA TYR B 183 5.28 14.26 10.27
C TYR B 183 3.96 14.04 10.99
N THR B 184 3.26 12.99 10.60
CA THR B 184 2.05 12.57 11.28
C THR B 184 1.92 11.06 11.12
N SER B 185 1.64 10.41 12.26
CA SER B 185 1.56 8.95 12.33
C SER B 185 0.24 8.51 11.71
N LEU B 186 0.29 7.41 10.92
CA LEU B 186 -0.86 6.93 10.17
C LEU B 186 -1.24 5.50 10.54
N VAL B 187 -0.26 4.61 10.55
CA VAL B 187 -0.48 3.20 10.82
C VAL B 187 0.63 2.70 11.74
N VAL B 188 0.24 1.84 12.71
CA VAL B 188 1.19 1.15 13.56
C VAL B 188 1.16 -0.34 13.21
N VAL B 189 2.34 -0.94 13.07
CA VAL B 189 2.42 -2.32 12.63
C VAL B 189 3.31 -3.09 13.60
N PRO B 190 2.71 -3.71 14.62
CA PRO B 190 3.43 -4.63 15.50
C PRO B 190 3.84 -5.84 14.70
N VAL B 191 5.05 -6.33 14.97
CA VAL B 191 5.59 -7.43 14.18
C VAL B 191 6.15 -8.45 15.16
N GLY B 192 5.94 -9.76 14.93
CA GLY B 192 6.59 -10.75 15.76
C GLY B 192 6.18 -12.19 15.45
N HIS B 193 5.85 -12.94 16.54
CA HIS B 193 5.34 -14.30 16.44
C HIS B 193 4.06 -14.34 17.27
N HIS B 194 3.01 -14.99 16.71
CA HIS B 194 1.70 -15.05 17.37
C HIS B 194 1.77 -16.00 18.55
N SER B 195 0.89 -15.79 19.56
CA SER B 195 0.74 -16.66 20.72
C SER B 195 -0.44 -17.59 20.50
N VAL B 196 -0.63 -18.55 21.40
CA VAL B 196 -1.81 -19.41 21.38
C VAL B 196 -3.12 -18.63 21.57
N GLU B 197 -3.05 -17.42 22.13
CA GLU B 197 -4.22 -16.56 22.29
C GLU B 197 -4.69 -15.90 20.98
N ASP B 198 -3.92 -15.97 19.85
CA ASP B 198 -4.35 -15.44 18.55
C ASP B 198 -5.46 -16.30 17.89
N PHE B 199 -6.72 -15.99 18.21
CA PHE B 199 -7.91 -16.69 17.69
C PHE B 199 -7.96 -16.63 16.14
N ASN B 200 -7.39 -15.56 15.56
CA ASN B 200 -7.42 -15.32 14.13
C ASN B 200 -6.42 -16.17 13.34
N ALA B 201 -5.45 -16.81 14.03
CA ALA B 201 -4.48 -17.66 13.37
C ALA B 201 -5.14 -18.88 12.74
N THR B 202 -6.25 -19.41 13.29
CA THR B 202 -6.87 -20.64 12.78
C THR B 202 -8.26 -20.39 12.19
N LEU B 203 -8.64 -19.12 11.95
CA LEU B 203 -9.89 -18.77 11.31
C LEU B 203 -9.66 -18.71 9.80
N PRO B 204 -10.62 -19.15 8.97
CA PRO B 204 -10.47 -18.98 7.53
C PRO B 204 -10.48 -17.51 7.08
N LYS B 205 -9.75 -17.24 5.98
CA LYS B 205 -9.68 -15.89 5.41
C LYS B 205 -11.04 -15.61 4.75
N SER B 206 -11.47 -14.35 4.76
CA SER B 206 -12.71 -13.99 4.08
C SER B 206 -12.47 -12.84 3.12
N ARG B 207 -12.89 -13.00 1.85
CA ARG B 207 -12.86 -11.88 0.90
C ARG B 207 -14.10 -11.92 0.02
N LEU B 208 -14.54 -10.75 -0.44
CA LEU B 208 -15.61 -10.68 -1.41
C LEU B 208 -15.22 -11.42 -2.69
N PRO B 209 -16.17 -12.08 -3.39
CA PRO B 209 -15.87 -12.81 -4.62
C PRO B 209 -15.47 -11.86 -5.74
N GLN B 210 -14.68 -12.40 -6.65
CA GLN B 210 -14.16 -11.60 -7.75
C GLN B 210 -15.26 -11.06 -8.66
N ASN B 211 -16.39 -11.77 -8.79
CA ASN B 211 -17.47 -11.31 -9.66
C ASN B 211 -18.13 -10.05 -9.12
N ILE B 212 -17.91 -9.70 -7.84
CA ILE B 212 -18.30 -8.41 -7.28
C ILE B 212 -17.23 -7.34 -7.53
N THR B 213 -15.95 -7.68 -7.31
CA THR B 213 -14.91 -6.68 -7.22
C THR B 213 -14.14 -6.46 -8.54
N LEU B 214 -14.29 -7.32 -9.55
CA LEU B 214 -13.31 -7.41 -10.63
C LEU B 214 -13.97 -7.56 -12.01
N THR B 215 -13.64 -6.61 -12.91
CA THR B 215 -14.12 -6.58 -14.28
C THR B 215 -12.93 -6.87 -15.23
N GLU B 216 -13.06 -7.85 -16.10
CA GLU B 216 -12.04 -8.18 -17.08
C GLU B 216 -12.44 -7.63 -18.44
N VAL B 217 -11.59 -6.84 -19.12
CA VAL B 217 -11.88 -6.29 -20.44
C VAL B 217 -10.73 -6.58 -21.40
N1 FMN C . 6.50 5.74 -12.86
C2 FMN C . 6.20 6.24 -14.05
O2 FMN C . 6.93 6.04 -15.02
N3 FMN C . 5.02 6.85 -14.29
C4 FMN C . 4.08 7.07 -13.33
O4 FMN C . 3.02 7.60 -13.63
C4A FMN C . 4.39 6.60 -12.03
N5 FMN C . 3.50 6.74 -11.08
C5A FMN C . 3.81 6.23 -9.86
C6 FMN C . 2.83 6.28 -8.88
C7 FMN C . 2.95 5.57 -7.70
C7M FMN C . 1.85 5.64 -6.67
C8 FMN C . 4.20 4.97 -7.38
C8M FMN C . 4.44 4.29 -6.05
C9 FMN C . 5.23 5.04 -8.30
C9A FMN C . 5.05 5.59 -9.58
N10 FMN C . 6.00 5.54 -10.60
C10 FMN C . 5.65 5.93 -11.87
C1' FMN C . 7.26 4.79 -10.41
C2' FMN C . 8.14 5.47 -9.41
O2' FMN C . 8.77 6.54 -10.00
C3' FMN C . 9.08 4.43 -8.76
O3' FMN C . 8.20 3.62 -7.98
C4' FMN C . 10.17 5.04 -7.88
O4' FMN C . 11.02 5.87 -8.66
C5' FMN C . 11.08 4.01 -7.26
O5' FMN C . 11.71 3.22 -8.28
P FMN C . 11.40 1.64 -8.41
O1P FMN C . 12.16 1.20 -9.61
O2P FMN C . 9.84 1.43 -8.48
O3P FMN C . 12.01 1.08 -7.11
N NIO D . -10.06 -0.26 14.63
C1 NIO D . -10.04 -1.53 14.21
C2 NIO D . -9.97 -1.89 12.86
C3 NIO D . -9.93 -0.88 11.92
C4 NIO D . -9.96 0.43 12.33
C5 NIO D . -10.02 0.70 13.69
C6 NIO D . -9.93 -3.34 12.44
O1 NIO D . -9.86 -3.60 11.22
O2 NIO D . -9.95 -4.20 13.35
N1 FMN E . -6.98 -5.25 12.91
C2 FMN E . -7.16 -5.02 14.23
O2 FMN E . -7.39 -5.98 15.00
N3 FMN E . -7.13 -3.73 14.75
C4 FMN E . -6.90 -2.63 13.94
O4 FMN E . -6.88 -1.50 14.42
C4A FMN E . -6.76 -2.83 12.54
N5 FMN E . -6.58 -1.79 11.76
C5A FMN E . -6.32 -2.04 10.44
C6 FMN E . -5.97 -0.97 9.59
C7 FMN E . -5.54 -1.19 8.29
C7M FMN E . -5.08 -0.05 7.43
C8 FMN E . -5.63 -2.48 7.75
C8M FMN E . -5.22 -2.75 6.32
C9 FMN E . -6.08 -3.52 8.53
C9A FMN E . -6.36 -3.35 9.90
N10 FMN E . -6.68 -4.42 10.77
C10 FMN E . -6.78 -4.20 12.11
C1' FMN E . -6.68 -5.82 10.27
C2' FMN E . -7.86 -6.04 9.35
O2' FMN E . -9.09 -6.21 10.01
C3' FMN E . -7.55 -7.18 8.39
O3' FMN E . -6.48 -6.74 7.50
C4' FMN E . -8.76 -7.67 7.57
O4' FMN E . -9.83 -8.11 8.45
C5' FMN E . -8.33 -8.76 6.62
O5' FMN E . -7.84 -9.88 7.42
P FMN E . -6.33 -10.40 7.30
O1P FMN E . -6.23 -11.48 8.45
O2P FMN E . -5.39 -9.16 7.52
O3P FMN E . -6.24 -11.01 5.91
N NIO F . 3.84 11.03 -13.06
C1 NIO F . 5.01 10.38 -12.89
C2 NIO F . 5.44 9.87 -11.65
C3 NIO F . 4.61 10.07 -10.54
C4 NIO F . 3.43 10.78 -10.70
C5 NIO F . 3.07 11.23 -11.97
C6 NIO F . 6.81 9.13 -11.51
O1 NIO F . 7.64 9.18 -12.47
O2 NIO F . 7.06 8.54 -10.42
#